data_4BGN
#
_entry.id   4BGN
#
_cell.length_a   115.000
_cell.length_b   115.000
_cell.length_c   118.000
_cell.angle_alpha   90.00
_cell.angle_beta   90.00
_cell.angle_gamma   90.00
#
_symmetry.space_group_name_H-M   'P 4'
#
_entity_poly.entity_id   1
_entity_poly.type   'polypeptide(L)'
_entity_poly.pdbx_seq_one_letter_code
;MSHIHERHSQLKHPIEAWCDWLVNHPRFTSAIIVLIVINAIVVGMETYPGIYQPYQDWFYLIDRMILWVFTAEIILKLVA
TRPRYHFFKDSWNVFDFLIVASGHLFVGAQFVTVLRVLRVLRLLRAVTVIPSLRRLVSALLYTIPSLGNIMLLMGLIFYI
FGVMGTFLFRDVAPEYFGSLHLSLITLFQVVTLESWASGIMRPIMAEVFWSWIYFVAFILVGTFVIFNLFVGVIVSNVER
AETEDAEQEEGQREERQGLFEGDGSSVSAEEIAKLRQEIKELRQLLKELKDHHSQSST
;
_entity_poly.pdbx_strand_id   A,B
#
# COMPACT_ATOMS: atom_id res chain seq x y z
N ARG A 27 -7.17 42.11 48.40
CA ARG A 27 -8.39 41.53 49.02
C ARG A 27 -9.53 41.53 48.01
N PHE A 28 -9.48 42.47 47.08
CA PHE A 28 -10.50 42.60 46.05
C PHE A 28 -10.61 41.30 45.26
N THR A 29 -9.49 40.85 44.70
CA THR A 29 -9.47 39.62 43.91
C THR A 29 -9.89 38.43 44.76
N SER A 30 -9.30 38.30 45.94
CA SER A 30 -9.64 37.20 46.84
C SER A 30 -11.14 37.18 47.10
N ALA A 31 -11.72 38.36 47.28
CA ALA A 31 -13.15 38.45 47.54
C ALA A 31 -13.92 37.90 46.35
N ILE A 32 -13.49 38.26 45.15
CA ILE A 32 -14.13 37.79 43.93
C ILE A 32 -13.96 36.29 43.73
N ILE A 33 -12.73 35.81 43.90
CA ILE A 33 -12.48 34.38 43.73
C ILE A 33 -13.33 33.59 44.71
N VAL A 34 -13.53 34.15 45.90
CA VAL A 34 -14.33 33.48 46.92
C VAL A 34 -15.76 33.30 46.43
N LEU A 35 -16.39 34.41 46.03
CA LEU A 35 -17.76 34.35 45.55
C LEU A 35 -17.90 33.32 44.43
N ILE A 36 -16.98 33.36 43.46
CA ILE A 36 -17.03 32.44 42.35
C ILE A 36 -17.18 31.01 42.86
N VAL A 37 -16.30 30.63 43.78
CA VAL A 37 -16.35 29.29 44.36
C VAL A 37 -17.67 29.07 45.09
N ILE A 38 -18.11 30.10 45.83
CA ILE A 38 -19.35 30.00 46.57
C ILE A 38 -20.55 29.84 45.63
N ASN A 39 -20.64 30.69 44.60
CA ASN A 39 -21.75 30.56 43.67
C ASN A 39 -21.59 29.26 42.90
N ALA A 40 -20.34 28.88 42.67
CA ALA A 40 -20.04 27.65 41.94
C ALA A 40 -20.64 26.46 42.66
N ILE A 41 -20.50 26.43 43.99
CA ILE A 41 -21.05 25.31 44.76
C ILE A 41 -22.57 25.41 44.81
N VAL A 42 -23.08 26.64 44.81
CA VAL A 42 -24.52 26.86 44.86
C VAL A 42 -25.20 26.37 43.58
N VAL A 43 -24.57 26.59 42.44
CA VAL A 43 -25.15 26.15 41.17
C VAL A 43 -25.33 24.65 41.18
N GLY A 44 -24.42 23.96 41.87
CA GLY A 44 -24.50 22.51 41.95
C GLY A 44 -25.65 22.09 42.84
N MET A 45 -25.97 22.91 43.84
CA MET A 45 -27.06 22.63 44.76
C MET A 45 -28.37 22.91 44.05
N GLU A 46 -28.36 23.95 43.22
CA GLU A 46 -29.54 24.36 42.48
C GLU A 46 -29.99 23.25 41.54
N THR A 47 -29.11 22.26 41.32
CA THR A 47 -29.43 21.15 40.45
C THR A 47 -30.39 20.17 41.14
N TYR A 48 -30.18 19.99 42.45
CA TYR A 48 -31.01 19.07 43.20
C TYR A 48 -32.43 19.57 43.40
N PRO A 49 -33.41 18.82 42.88
CA PRO A 49 -34.82 19.18 42.99
C PRO A 49 -35.24 19.26 44.46
N GLY A 50 -34.59 18.44 45.29
CA GLY A 50 -34.90 18.42 46.70
C GLY A 50 -34.52 19.74 47.36
N ILE A 51 -33.23 20.09 47.29
CA ILE A 51 -32.75 21.33 47.89
C ILE A 51 -33.61 22.49 47.39
N TYR A 52 -34.02 22.41 46.13
CA TYR A 52 -34.84 23.45 45.54
C TYR A 52 -36.11 23.72 46.32
N GLN A 53 -36.81 22.67 46.77
CA GLN A 53 -38.04 22.91 47.50
C GLN A 53 -37.79 23.74 48.77
N PRO A 54 -36.94 23.24 49.68
CA PRO A 54 -36.67 24.02 50.90
C PRO A 54 -36.01 25.37 50.69
N TYR A 55 -34.73 25.36 50.31
CA TYR A 55 -34.01 26.63 50.12
C TYR A 55 -33.92 27.09 48.68
N GLN A 56 -35.06 27.14 47.99
CA GLN A 56 -35.09 27.59 46.61
C GLN A 56 -34.78 29.08 46.54
N ASP A 57 -35.47 29.83 47.37
CA ASP A 57 -35.32 31.28 47.42
C ASP A 57 -33.95 31.70 47.92
N TRP A 58 -33.49 31.07 48.99
CA TRP A 58 -32.19 31.41 49.56
C TRP A 58 -31.08 31.47 48.52
N PHE A 59 -31.00 30.46 47.66
CA PHE A 59 -29.97 30.46 46.64
C PHE A 59 -30.36 31.43 45.54
N TYR A 60 -31.67 31.64 45.38
CA TYR A 60 -32.15 32.58 44.36
C TYR A 60 -31.65 33.97 44.66
N LEU A 61 -31.86 34.43 45.89
CA LEU A 61 -31.42 35.75 46.29
C LEU A 61 -29.90 35.89 46.23
N ILE A 62 -29.20 34.87 46.70
CA ILE A 62 -27.74 34.91 46.69
C ILE A 62 -27.25 35.10 45.25
N ASP A 63 -28.02 34.60 44.29
CA ASP A 63 -27.64 34.74 42.88
C ASP A 63 -27.76 36.20 42.46
N ARG A 64 -28.85 36.84 42.83
CA ARG A 64 -29.06 38.23 42.47
C ARG A 64 -27.97 39.09 43.08
N MET A 65 -27.62 38.81 44.32
CA MET A 65 -26.59 39.56 45.03
C MET A 65 -25.24 39.44 44.35
N ILE A 66 -24.84 38.22 44.00
CA ILE A 66 -23.56 38.01 43.34
C ILE A 66 -23.49 38.72 41.99
N LEU A 67 -24.56 38.62 41.21
CA LEU A 67 -24.57 39.26 39.91
C LEU A 67 -24.36 40.76 40.09
N TRP A 68 -25.00 41.33 41.12
CA TRP A 68 -24.85 42.74 41.40
C TRP A 68 -23.41 43.10 41.72
N VAL A 69 -22.84 42.42 42.71
CA VAL A 69 -21.47 42.69 43.12
C VAL A 69 -20.53 42.55 41.92
N PHE A 70 -20.85 41.64 41.01
CA PHE A 70 -20.03 41.44 39.83
C PHE A 70 -20.16 42.59 38.84
N THR A 71 -21.36 43.15 38.72
CA THR A 71 -21.56 44.26 37.81
C THR A 71 -20.74 45.43 38.34
N ALA A 72 -20.80 45.63 39.66
CA ALA A 72 -20.06 46.71 40.29
C ALA A 72 -18.57 46.49 40.05
N GLU A 73 -18.14 45.24 40.21
CA GLU A 73 -16.74 44.87 40.00
C GLU A 73 -16.32 45.24 38.58
N ILE A 74 -17.09 44.76 37.61
CA ILE A 74 -16.82 45.03 36.21
C ILE A 74 -16.72 46.52 35.92
N ILE A 75 -17.64 47.29 36.48
CA ILE A 75 -17.65 48.74 36.30
C ILE A 75 -16.37 49.36 36.84
N LEU A 76 -16.01 49.00 38.06
CA LEU A 76 -14.80 49.52 38.70
C LEU A 76 -13.61 49.24 37.80
N LYS A 77 -13.44 47.98 37.42
CA LYS A 77 -12.34 47.56 36.56
C LYS A 77 -12.28 48.41 35.31
N LEU A 78 -13.46 48.69 34.74
CA LEU A 78 -13.57 49.48 33.53
C LEU A 78 -12.85 50.82 33.64
N VAL A 79 -13.10 51.53 34.73
CA VAL A 79 -12.48 52.83 34.95
C VAL A 79 -11.00 52.69 35.26
N ALA A 80 -10.67 51.69 36.07
CA ALA A 80 -9.29 51.43 36.49
C ALA A 80 -8.36 50.92 35.39
N THR A 81 -8.89 50.11 34.48
CA THR A 81 -8.09 49.54 33.40
C THR A 81 -7.12 50.51 32.73
N ARG A 82 -7.51 51.79 32.73
CA ARG A 82 -6.80 52.91 32.11
C ARG A 82 -8.01 53.56 31.44
N PRO A 83 -7.86 54.18 30.27
CA PRO A 83 -9.14 54.70 29.79
C PRO A 83 -10.02 53.47 29.61
N ARG A 84 -11.33 53.63 29.77
CA ARG A 84 -12.26 52.51 29.64
C ARG A 84 -11.88 51.57 28.49
N TYR A 85 -11.30 52.15 27.44
CA TYR A 85 -10.89 51.41 26.25
C TYR A 85 -10.11 50.13 26.55
N HIS A 86 -9.00 50.28 27.25
CA HIS A 86 -8.13 49.15 27.56
C HIS A 86 -8.87 47.92 28.05
N PHE A 87 -9.87 48.10 28.90
CA PHE A 87 -10.64 46.98 29.41
C PHE A 87 -11.18 46.18 28.23
N PHE A 88 -11.73 46.90 27.26
CA PHE A 88 -12.29 46.28 26.07
C PHE A 88 -11.22 45.66 25.19
N LYS A 89 -9.96 45.95 25.51
CA LYS A 89 -8.84 45.40 24.77
C LYS A 89 -8.51 44.01 25.28
N ASP A 90 -8.60 43.82 26.59
CA ASP A 90 -8.30 42.55 27.21
C ASP A 90 -9.37 41.49 26.96
N SER A 91 -8.93 40.32 26.51
CA SER A 91 -9.83 39.20 26.22
C SER A 91 -10.46 38.66 27.49
N TRP A 92 -9.67 38.54 28.55
CA TRP A 92 -10.16 38.02 29.81
C TRP A 92 -11.24 38.93 30.37
N ASN A 93 -11.01 40.24 30.25
CA ASN A 93 -11.96 41.22 30.74
C ASN A 93 -13.26 41.18 29.93
N VAL A 94 -13.13 41.13 28.61
CA VAL A 94 -14.31 41.10 27.76
C VAL A 94 -15.12 39.85 28.05
N PHE A 95 -14.44 38.74 28.29
CA PHE A 95 -15.10 37.49 28.61
C PHE A 95 -15.95 37.73 29.85
N ASP A 96 -15.31 38.19 30.91
CA ASP A 96 -16.01 38.47 32.16
C ASP A 96 -17.17 39.42 31.91
N PHE A 97 -16.99 40.35 30.97
CA PHE A 97 -18.04 41.30 30.65
C PHE A 97 -19.22 40.57 30.02
N LEU A 98 -18.97 39.85 28.93
CA LEU A 98 -20.01 39.12 28.24
C LEU A 98 -20.71 38.13 29.15
N ILE A 99 -19.94 37.44 29.97
CA ILE A 99 -20.50 36.46 30.91
C ILE A 99 -21.54 37.11 31.80
N VAL A 100 -21.12 38.18 32.47
CA VAL A 100 -21.99 38.91 33.38
C VAL A 100 -23.19 39.50 32.65
N ALA A 101 -22.97 39.96 31.42
CA ALA A 101 -24.04 40.55 30.62
C ALA A 101 -25.17 39.55 30.46
N SER A 102 -24.84 38.34 30.04
CA SER A 102 -25.85 37.30 29.84
C SER A 102 -26.59 37.05 31.13
N GLY A 103 -25.86 37.01 32.24
CA GLY A 103 -26.48 36.78 33.53
C GLY A 103 -27.37 37.95 33.90
N HIS A 104 -27.10 39.10 33.31
CA HIS A 104 -27.88 40.31 33.58
C HIS A 104 -29.26 40.23 32.92
N LEU A 105 -29.31 39.67 31.71
CA LEU A 105 -30.57 39.55 30.99
C LEU A 105 -31.63 38.96 31.92
N PHE A 106 -32.78 39.63 31.99
CA PHE A 106 -33.87 39.20 32.84
C PHE A 106 -34.15 37.70 32.67
N VAL A 107 -34.58 37.07 33.76
CA VAL A 107 -34.90 35.65 33.72
C VAL A 107 -35.79 35.40 32.52
N GLY A 108 -36.90 36.14 32.45
CA GLY A 108 -37.80 36.01 31.34
C GLY A 108 -37.18 36.62 30.11
N ALA A 109 -37.57 36.13 28.94
CA ALA A 109 -37.05 36.61 27.66
C ALA A 109 -37.53 35.66 26.58
N GLN A 110 -37.18 35.93 25.34
CA GLN A 110 -37.59 35.05 24.24
C GLN A 110 -37.14 33.65 24.59
N PHE A 111 -35.87 33.52 24.97
CA PHE A 111 -35.32 32.24 25.36
C PHE A 111 -34.92 32.32 26.82
N VAL A 112 -35.93 32.32 27.69
CA VAL A 112 -35.72 32.39 29.12
C VAL A 112 -34.73 31.32 29.56
N THR A 113 -34.97 30.09 29.12
CA THR A 113 -34.14 28.96 29.48
C THR A 113 -32.67 29.04 29.05
N VAL A 114 -32.42 29.20 27.75
CA VAL A 114 -31.05 29.26 27.27
C VAL A 114 -30.21 30.30 28.01
N LEU A 115 -30.67 31.54 28.06
CA LEU A 115 -29.93 32.58 28.75
C LEU A 115 -29.81 32.18 30.22
N ARG A 116 -30.86 31.55 30.74
CA ARG A 116 -30.86 31.11 32.12
C ARG A 116 -29.77 30.08 32.36
N VAL A 117 -29.62 29.15 31.43
CA VAL A 117 -28.60 28.11 31.56
C VAL A 117 -27.21 28.64 31.29
N LEU A 118 -27.09 29.54 30.31
CA LEU A 118 -25.78 30.10 29.97
C LEU A 118 -25.18 30.86 31.15
N ARG A 119 -26.01 31.22 32.13
CA ARG A 119 -25.52 31.95 33.29
C ARG A 119 -24.42 31.14 33.99
N VAL A 120 -24.51 29.82 33.89
CA VAL A 120 -23.52 28.94 34.51
C VAL A 120 -22.13 29.24 33.98
N LEU A 121 -22.07 29.85 32.80
CA LEU A 121 -20.79 30.17 32.17
C LEU A 121 -19.95 31.08 33.06
N ARG A 122 -20.58 31.73 34.04
CA ARG A 122 -19.87 32.62 34.94
C ARG A 122 -18.86 31.85 35.77
N LEU A 123 -19.07 30.55 35.91
CA LEU A 123 -18.16 29.72 36.67
C LEU A 123 -16.82 29.71 35.96
N LEU A 124 -16.82 30.11 34.69
CA LEU A 124 -15.61 30.17 33.89
C LEU A 124 -14.78 31.36 34.37
N ARG A 125 -15.43 32.23 35.13
CA ARG A 125 -14.76 33.41 35.68
C ARG A 125 -13.56 32.94 36.50
N ALA A 126 -13.67 31.74 37.05
CA ALA A 126 -12.62 31.17 37.86
C ALA A 126 -11.31 31.12 37.06
N VAL A 127 -11.42 30.81 35.78
CA VAL A 127 -10.24 30.75 34.93
C VAL A 127 -9.59 32.11 34.79
N THR A 128 -10.40 33.13 34.52
CA THR A 128 -9.90 34.49 34.36
C THR A 128 -9.31 35.06 35.65
N VAL A 129 -10.11 35.05 36.72
CA VAL A 129 -9.68 35.60 37.99
C VAL A 129 -8.39 34.99 38.54
N ILE A 130 -8.26 33.67 38.50
CA ILE A 130 -7.06 33.04 39.03
C ILE A 130 -6.03 32.72 37.96
N PRO A 131 -4.76 33.06 38.23
CA PRO A 131 -3.66 32.81 37.30
C PRO A 131 -3.48 31.31 37.11
N SER A 132 -2.34 30.92 36.55
CA SER A 132 -2.04 29.51 36.33
C SER A 132 -3.02 28.85 35.36
N LEU A 133 -4.30 28.77 35.75
CA LEU A 133 -5.30 28.17 34.87
C LEU A 133 -5.14 28.70 33.47
N ARG A 134 -5.05 30.02 33.36
CA ARG A 134 -4.89 30.69 32.08
C ARG A 134 -3.58 30.24 31.42
N ARG A 135 -2.58 29.96 32.24
CA ARG A 135 -1.29 29.51 31.74
C ARG A 135 -1.46 28.26 30.89
N LEU A 136 -2.14 27.26 31.45
CA LEU A 136 -2.38 26.01 30.73
C LEU A 136 -3.17 26.23 29.45
N VAL A 137 -4.37 26.80 29.58
CA VAL A 137 -5.20 27.06 28.41
C VAL A 137 -4.36 27.72 27.33
N SER A 146 -0.13 24.78 15.14
CA SER A 146 0.88 23.89 14.58
C SER A 146 0.29 22.51 14.28
N LEU A 147 -1.03 22.42 14.32
CA LEU A 147 -1.73 21.17 14.04
C LEU A 147 -2.63 21.30 12.82
N GLY A 148 -3.11 22.52 12.57
CA GLY A 148 -3.98 22.77 11.43
C GLY A 148 -3.69 21.89 10.23
N ASN A 149 -2.47 21.97 9.73
CA ASN A 149 -2.05 21.18 8.57
C ASN A 149 -2.49 19.72 8.68
N ILE A 150 -2.01 19.03 9.71
CA ILE A 150 -2.37 17.63 9.91
C ILE A 150 -3.87 17.47 10.14
N MET A 151 -4.44 18.42 10.89
CA MET A 151 -5.86 18.39 11.19
C MET A 151 -6.67 18.39 9.90
N LEU A 152 -6.26 19.25 8.96
CA LEU A 152 -6.96 19.34 7.69
C LEU A 152 -6.84 18.02 6.93
N LEU A 153 -5.62 17.47 6.89
CA LEU A 153 -5.39 16.21 6.19
C LEU A 153 -6.30 15.12 6.75
N MET A 154 -6.32 15.02 8.08
CA MET A 154 -7.14 14.03 8.75
C MET A 154 -8.61 14.25 8.41
N GLY A 155 -9.04 15.50 8.47
CA GLY A 155 -10.43 15.83 8.16
C GLY A 155 -10.78 15.34 6.77
N LEU A 156 -9.87 15.55 5.83
CA LEU A 156 -10.08 15.12 4.45
C LEU A 156 -10.22 13.61 4.45
N ILE A 157 -9.32 12.95 5.18
CA ILE A 157 -9.32 11.49 5.28
C ILE A 157 -10.67 10.97 5.78
N PHE A 158 -11.14 11.51 6.89
CA PHE A 158 -12.43 11.08 7.44
C PHE A 158 -13.55 11.27 6.43
N TYR A 159 -13.53 12.39 5.73
CA TYR A 159 -14.56 12.66 4.74
C TYR A 159 -14.55 11.59 3.66
N ILE A 160 -13.36 11.25 3.18
CA ILE A 160 -13.21 10.24 2.13
C ILE A 160 -13.77 8.91 2.59
N PHE A 161 -13.26 8.40 3.72
CA PHE A 161 -13.71 7.13 4.24
C PHE A 161 -15.16 7.20 4.70
N GLY A 162 -15.57 8.37 5.15
CA GLY A 162 -16.95 8.54 5.60
C GLY A 162 -17.91 8.25 4.47
N VAL A 163 -17.66 8.84 3.30
CA VAL A 163 -18.52 8.63 2.15
C VAL A 163 -18.42 7.21 1.65
N MET A 164 -17.21 6.66 1.63
CA MET A 164 -16.99 5.30 1.16
C MET A 164 -17.73 4.32 2.07
N GLY A 165 -17.57 4.51 3.38
CA GLY A 165 -18.23 3.64 4.33
C GLY A 165 -19.74 3.69 4.17
N THR A 166 -20.28 4.88 3.94
CA THR A 166 -21.72 5.04 3.78
C THR A 166 -22.20 4.17 2.63
N PHE A 167 -21.54 4.25 1.49
CA PHE A 167 -21.92 3.45 0.34
C PHE A 167 -21.69 1.96 0.55
N LEU A 168 -20.71 1.64 1.39
CA LEU A 168 -20.37 0.25 1.66
C LEU A 168 -21.23 -0.49 2.68
N PHE A 169 -21.61 0.17 3.76
CA PHE A 169 -22.40 -0.51 4.79
C PHE A 169 -23.66 0.18 5.26
N ARG A 170 -24.01 1.33 4.67
CA ARG A 170 -25.21 2.04 5.09
C ARG A 170 -26.49 1.21 5.02
N ASP A 171 -26.72 0.53 3.91
CA ASP A 171 -27.92 -0.27 3.75
C ASP A 171 -28.07 -1.33 4.84
N VAL A 172 -27.05 -2.16 5.00
CA VAL A 172 -27.08 -3.22 6.00
C VAL A 172 -26.93 -2.67 7.42
N ALA A 173 -26.05 -1.70 7.59
CA ALA A 173 -25.81 -1.10 8.90
C ALA A 173 -26.23 0.36 8.91
N PRO A 174 -27.55 0.63 8.92
CA PRO A 174 -28.06 2.00 8.94
C PRO A 174 -27.72 2.80 10.20
N GLU A 175 -27.63 2.13 11.34
CA GLU A 175 -27.31 2.83 12.58
C GLU A 175 -25.92 3.44 12.54
N TYR A 176 -24.94 2.66 12.09
CA TYR A 176 -23.56 3.11 12.02
C TYR A 176 -23.21 3.86 10.74
N PHE A 177 -23.49 3.22 9.60
CA PHE A 177 -23.16 3.77 8.29
C PHE A 177 -24.33 4.41 7.53
N GLY A 178 -25.53 4.28 8.05
CA GLY A 178 -26.70 4.84 7.41
C GLY A 178 -26.53 6.17 6.70
N SER A 179 -25.90 7.13 7.35
CA SER A 179 -25.71 8.44 6.76
C SER A 179 -24.25 8.87 6.80
N LEU A 180 -23.94 9.98 6.13
CA LEU A 180 -22.59 10.50 6.10
C LEU A 180 -22.19 10.91 7.51
N HIS A 181 -23.12 11.54 8.22
CA HIS A 181 -22.84 11.98 9.59
C HIS A 181 -22.72 10.78 10.52
N LEU A 182 -23.54 9.75 10.29
CA LEU A 182 -23.47 8.55 11.10
C LEU A 182 -22.12 7.88 10.89
N SER A 183 -21.66 7.90 9.64
CA SER A 183 -20.37 7.31 9.31
C SER A 183 -19.27 8.08 10.01
N LEU A 184 -19.39 9.41 10.03
CA LEU A 184 -18.39 10.25 10.67
C LEU A 184 -18.23 9.87 12.14
N ILE A 185 -19.34 9.73 12.84
CA ILE A 185 -19.29 9.39 14.25
C ILE A 185 -18.75 7.99 14.49
N THR A 186 -19.15 7.03 13.66
CA THR A 186 -18.67 5.66 13.84
C THR A 186 -17.18 5.57 13.56
N LEU A 187 -16.72 6.27 12.52
CA LEU A 187 -15.30 6.24 12.19
C LEU A 187 -14.48 6.96 13.27
N PHE A 188 -15.11 7.89 13.98
CA PHE A 188 -14.39 8.57 15.05
C PHE A 188 -14.28 7.60 16.21
N GLN A 189 -15.29 6.76 16.37
CA GLN A 189 -15.29 5.78 17.44
C GLN A 189 -14.16 4.78 17.21
N VAL A 190 -13.98 4.37 15.96
CA VAL A 190 -12.92 3.40 15.65
C VAL A 190 -11.53 4.01 15.84
N VAL A 191 -11.39 5.31 15.65
CA VAL A 191 -10.08 5.93 15.83
C VAL A 191 -9.76 5.91 17.32
N THR A 192 -10.77 6.10 18.15
CA THR A 192 -10.57 6.07 19.59
C THR A 192 -10.32 4.61 19.96
N LEU A 193 -10.59 3.73 19.00
CA LEU A 193 -10.37 2.30 19.17
C LEU A 193 -11.34 1.69 20.19
N GLU A 194 -12.47 2.36 20.43
CA GLU A 194 -13.44 1.86 21.39
C GLU A 194 -14.47 0.92 20.76
N SER A 195 -14.39 -0.35 21.14
CA SER A 195 -15.31 -1.37 20.64
C SER A 195 -15.34 -1.45 19.11
N TRP A 196 -14.21 -1.15 18.47
CA TRP A 196 -14.17 -1.20 17.01
C TRP A 196 -14.34 -2.62 16.48
N ALA A 197 -13.65 -3.57 17.08
CA ALA A 197 -13.72 -4.96 16.63
C ALA A 197 -14.99 -5.67 17.10
N SER A 198 -15.11 -5.89 18.41
CA SER A 198 -16.26 -6.57 18.96
C SER A 198 -17.58 -5.88 18.61
N GLY A 199 -17.63 -4.57 18.79
CA GLY A 199 -18.84 -3.83 18.51
C GLY A 199 -19.16 -3.51 17.07
N ILE A 200 -18.15 -3.10 16.29
CA ILE A 200 -18.37 -2.74 14.89
C ILE A 200 -17.95 -3.76 13.85
N MET A 201 -16.63 -3.93 13.70
CA MET A 201 -16.04 -4.82 12.71
C MET A 201 -16.48 -6.28 12.70
N ARG A 202 -16.43 -6.95 13.85
CA ARG A 202 -16.84 -8.36 13.89
C ARG A 202 -18.24 -8.52 13.32
N PRO A 203 -19.23 -7.77 13.85
CA PRO A 203 -20.60 -7.87 13.34
C PRO A 203 -20.73 -7.54 11.86
N ILE A 204 -19.98 -6.55 11.40
CA ILE A 204 -20.05 -6.15 10.00
C ILE A 204 -19.48 -7.25 9.10
N MET A 205 -18.48 -7.98 9.63
CA MET A 205 -17.85 -9.05 8.86
C MET A 205 -18.84 -10.15 8.52
N ALA A 206 -19.84 -10.32 9.39
CA ALA A 206 -20.85 -11.35 9.17
C ALA A 206 -21.45 -11.16 7.78
N GLU A 207 -21.75 -9.91 7.45
CA GLU A 207 -22.32 -9.58 6.15
C GLU A 207 -21.20 -9.46 5.12
N VAL A 208 -20.18 -8.69 5.47
CA VAL A 208 -19.04 -8.47 4.59
C VAL A 208 -17.75 -8.98 5.22
N PHE A 209 -17.24 -10.09 4.72
CA PHE A 209 -16.02 -10.67 5.24
C PHE A 209 -14.79 -9.80 5.00
N TRP A 210 -14.82 -9.03 3.91
CA TRP A 210 -13.70 -8.17 3.56
C TRP A 210 -13.66 -6.84 4.29
N SER A 211 -14.67 -6.57 5.11
CA SER A 211 -14.73 -5.32 5.85
C SER A 211 -13.44 -5.01 6.59
N TRP A 212 -12.72 -6.05 7.01
CA TRP A 212 -11.46 -5.85 7.73
C TRP A 212 -10.47 -5.07 6.88
N ILE A 213 -10.52 -5.28 5.57
CA ILE A 213 -9.62 -4.60 4.64
C ILE A 213 -9.82 -3.09 4.75
N TYR A 214 -11.07 -2.68 4.93
CA TYR A 214 -11.42 -1.27 5.04
C TYR A 214 -10.98 -0.62 6.35
N PHE A 215 -11.26 -1.28 7.47
CA PHE A 215 -10.92 -0.73 8.77
C PHE A 215 -9.47 -0.84 9.24
N VAL A 216 -8.83 -1.98 9.04
CA VAL A 216 -7.45 -2.13 9.48
C VAL A 216 -6.56 -1.03 8.92
N ALA A 217 -6.67 -0.80 7.61
CA ALA A 217 -5.87 0.25 6.96
C ALA A 217 -6.24 1.60 7.57
N PHE A 218 -7.54 1.82 7.76
CA PHE A 218 -8.02 3.07 8.33
C PHE A 218 -7.38 3.30 9.70
N ILE A 219 -7.40 2.25 10.52
CA ILE A 219 -6.83 2.34 11.86
C ILE A 219 -5.35 2.66 11.80
N LEU A 220 -4.63 1.99 10.90
CA LEU A 220 -3.19 2.23 10.75
C LEU A 220 -2.91 3.68 10.41
N VAL A 221 -3.53 4.17 9.35
CA VAL A 221 -3.34 5.55 8.91
C VAL A 221 -3.69 6.53 10.02
N GLY A 222 -4.89 6.40 10.56
CA GLY A 222 -5.33 7.29 11.63
C GLY A 222 -4.41 7.23 12.82
N THR A 223 -4.05 6.02 13.25
CA THR A 223 -3.18 5.84 14.40
C THR A 223 -1.81 6.46 14.12
N PHE A 224 -1.25 6.15 12.96
CA PHE A 224 0.06 6.66 12.57
C PHE A 224 0.13 8.19 12.67
N VAL A 225 -0.86 8.87 12.08
CA VAL A 225 -0.90 10.32 12.11
C VAL A 225 -0.90 10.83 13.54
N ILE A 226 -1.81 10.29 14.35
CA ILE A 226 -1.93 10.69 15.75
C ILE A 226 -0.58 10.64 16.45
N PHE A 227 0.14 9.54 16.28
CA PHE A 227 1.45 9.40 16.90
C PHE A 227 2.39 10.49 16.44
N ASN A 228 2.46 10.71 15.13
CA ASN A 228 3.33 11.75 14.60
C ASN A 228 2.90 13.11 15.13
N LEU A 229 1.60 13.33 15.19
CA LEU A 229 1.08 14.60 15.70
C LEU A 229 1.66 14.86 17.08
N PHE A 230 1.61 13.85 17.93
CA PHE A 230 2.14 13.99 19.27
C PHE A 230 3.64 14.25 19.21
N VAL A 231 4.31 13.50 18.34
CA VAL A 231 5.74 13.63 18.16
C VAL A 231 6.11 15.07 17.79
N GLY A 232 5.15 15.78 17.19
CA GLY A 232 5.40 17.15 16.78
C GLY A 232 5.05 18.18 17.85
N VAL A 233 4.00 17.93 18.60
CA VAL A 233 3.58 18.86 19.64
C VAL A 233 4.64 18.98 20.74
N ILE A 234 5.24 17.84 21.10
CA ILE A 234 6.26 17.84 22.14
C ILE A 234 7.58 18.47 21.71
N VAL A 235 7.91 18.40 20.42
CA VAL A 235 9.14 19.01 19.95
C VAL A 235 9.00 20.52 20.01
N SER A 236 7.79 21.00 19.71
CA SER A 236 7.51 22.42 19.77
C SER A 236 7.50 22.83 21.23
N ASN A 237 7.11 21.89 22.09
CA ASN A 237 7.06 22.13 23.51
C ASN A 237 8.45 22.33 24.08
N VAL A 238 9.32 21.36 23.81
CA VAL A 238 10.71 21.42 24.29
C VAL A 238 11.41 22.64 23.73
N GLU A 239 11.10 22.97 22.48
CA GLU A 239 11.71 24.13 21.83
C GLU A 239 11.33 25.41 22.56
N ARG A 240 10.07 25.48 23.01
CA ARG A 240 9.60 26.64 23.73
C ARG A 240 10.37 26.77 25.04
N ALA A 241 10.70 25.63 25.64
CA ALA A 241 11.45 25.63 26.90
C ALA A 241 12.79 26.30 26.68
N GLU A 242 13.42 25.99 25.55
CA GLU A 242 14.72 26.57 25.22
C GLU A 242 14.59 28.04 24.90
N THR A 243 13.53 28.42 24.20
CA THR A 243 13.31 29.82 23.86
C THR A 243 13.13 30.60 25.14
N GLU A 244 12.48 29.96 26.12
CA GLU A 244 12.24 30.59 27.41
C GLU A 244 13.55 30.90 28.13
N ASP A 245 14.50 29.98 28.07
CA ASP A 245 15.78 30.21 28.73
C ASP A 245 16.54 31.33 28.03
N ALA A 246 16.36 31.43 26.72
CA ALA A 246 17.02 32.47 25.94
C ALA A 246 16.49 33.83 26.38
N GLU A 247 15.18 33.93 26.53
CA GLU A 247 14.54 35.17 26.97
C GLU A 247 14.95 35.47 28.39
N GLN A 248 15.35 34.52 29.10
N ARG B 27 -12.66 -6.87 -25.15
CA ARG B 27 -11.76 -5.69 -25.25
C ARG B 27 -10.59 -5.86 -24.30
N PHE B 28 -10.83 -6.60 -23.21
CA PHE B 28 -9.80 -6.84 -22.20
C PHE B 28 -8.58 -7.49 -22.83
N THR B 29 -8.79 -8.62 -23.50
CA THR B 29 -7.70 -9.34 -24.15
C THR B 29 -7.02 -8.46 -25.19
N SER B 30 -7.82 -7.85 -26.06
CA SER B 30 -7.30 -7.00 -27.11
C SER B 30 -6.41 -5.92 -26.49
N ALA B 31 -6.85 -5.35 -25.37
CA ALA B 31 -6.09 -4.32 -24.69
C ALA B 31 -4.73 -4.88 -24.28
N ILE B 32 -4.74 -6.09 -23.73
CA ILE B 32 -3.51 -6.73 -23.28
C ILE B 32 -2.60 -7.07 -24.45
N ILE B 33 -3.16 -7.68 -25.49
CA ILE B 33 -2.36 -8.04 -26.65
C ILE B 33 -1.72 -6.79 -27.23
N VAL B 34 -2.44 -5.68 -27.19
CA VAL B 34 -1.93 -4.42 -27.71
C VAL B 34 -0.68 -4.01 -26.96
N LEU B 35 -0.79 -3.90 -25.63
CA LEU B 35 0.34 -3.50 -24.82
C LEU B 35 1.55 -4.39 -25.09
N ILE B 36 1.33 -5.70 -25.11
CA ILE B 36 2.42 -6.64 -25.37
C ILE B 36 3.20 -6.22 -26.60
N VAL B 37 2.48 -5.99 -27.70
CA VAL B 37 3.11 -5.57 -28.94
C VAL B 37 3.80 -4.22 -28.75
N ILE B 38 3.13 -3.31 -28.05
CA ILE B 38 3.70 -1.99 -27.81
C ILE B 38 4.97 -2.07 -26.97
N ASN B 39 4.93 -2.81 -25.86
CA ASN B 39 6.12 -2.93 -25.03
C ASN B 39 7.16 -3.73 -25.81
N ALA B 40 6.69 -4.66 -26.63
CA ALA B 40 7.57 -5.50 -27.43
C ALA B 40 8.42 -4.63 -28.35
N ILE B 41 7.79 -3.63 -28.97
CA ILE B 41 8.52 -2.75 -29.88
C ILE B 41 9.43 -1.83 -29.08
N VAL B 42 8.99 -1.46 -27.88
CA VAL B 42 9.77 -0.57 -27.02
C VAL B 42 11.05 -1.24 -26.54
N VAL B 43 10.98 -2.53 -26.22
CA VAL B 43 12.17 -3.24 -25.75
C VAL B 43 13.24 -3.21 -26.82
N GLY B 44 12.81 -3.21 -28.08
CA GLY B 44 13.74 -3.17 -29.19
C GLY B 44 14.39 -1.80 -29.31
N MET B 45 13.64 -0.76 -28.96
CA MET B 45 14.15 0.60 -29.01
C MET B 45 15.12 0.80 -27.86
N GLU B 46 14.80 0.18 -26.73
CA GLU B 46 15.61 0.27 -25.53
C GLU B 46 17.00 -0.30 -25.78
N THR B 47 17.15 -1.05 -26.87
CA THR B 47 18.44 -1.64 -27.22
C THR B 47 19.37 -0.60 -27.81
N TYR B 48 18.81 0.35 -28.55
CA TYR B 48 19.60 1.38 -29.18
C TYR B 48 20.14 2.39 -28.19
N PRO B 49 21.47 2.50 -28.09
CA PRO B 49 22.12 3.44 -27.17
C PRO B 49 21.72 4.88 -27.49
N GLY B 50 21.47 5.13 -28.77
CA GLY B 50 21.08 6.46 -29.20
C GLY B 50 19.73 6.85 -28.64
N ILE B 51 18.70 6.07 -28.96
CA ILE B 51 17.36 6.35 -28.47
C ILE B 51 17.39 6.51 -26.96
N TYR B 52 18.24 5.72 -26.32
CA TYR B 52 18.36 5.77 -24.88
C TYR B 52 18.71 7.16 -24.36
N GLN B 53 19.61 7.86 -25.01
CA GLN B 53 19.96 9.18 -24.51
C GLN B 53 18.75 10.11 -24.51
N PRO B 54 18.11 10.34 -25.67
CA PRO B 54 16.95 11.23 -25.69
C PRO B 54 15.73 10.74 -24.90
N TYR B 55 15.08 9.70 -25.40
CA TYR B 55 13.88 9.19 -24.74
C TYR B 55 14.13 7.99 -23.82
N GLN B 56 15.11 8.11 -22.93
CA GLN B 56 15.42 7.03 -22.01
C GLN B 56 14.32 6.89 -20.98
N ASP B 57 13.89 8.02 -20.43
CA ASP B 57 12.86 8.04 -19.42
C ASP B 57 11.49 7.61 -19.91
N TRP B 58 11.07 8.11 -21.07
CA TRP B 58 9.76 7.76 -21.59
C TRP B 58 9.53 6.26 -21.59
N PHE B 59 10.43 5.51 -22.23
CA PHE B 59 10.26 4.07 -22.27
C PHE B 59 10.40 3.51 -20.86
N TYR B 60 11.19 4.18 -20.03
CA TYR B 60 11.37 3.71 -18.66
C TYR B 60 10.04 3.73 -17.94
N LEU B 61 9.36 4.87 -17.97
CA LEU B 61 8.06 4.99 -17.32
C LEU B 61 7.01 4.09 -17.95
N ILE B 62 6.99 4.04 -19.28
CA ILE B 62 6.01 3.20 -19.96
C ILE B 62 6.17 1.76 -19.48
N ASP B 63 7.38 1.40 -19.09
CA ASP B 63 7.65 0.05 -18.61
C ASP B 63 6.99 -0.15 -17.24
N ARG B 64 7.15 0.83 -16.36
CA ARG B 64 6.55 0.74 -15.03
C ARG B 64 5.03 0.65 -15.15
N MET B 65 4.47 1.46 -16.05
CA MET B 65 3.04 1.48 -16.26
C MET B 65 2.50 0.13 -16.73
N ILE B 66 3.17 -0.45 -17.73
CA ILE B 66 2.73 -1.74 -18.25
C ILE B 66 2.81 -2.84 -17.20
N LEU B 67 3.89 -2.86 -16.44
CA LEU B 67 4.05 -3.87 -15.40
C LEU B 67 2.89 -3.76 -14.42
N TRP B 68 2.52 -2.53 -14.10
CA TRP B 68 1.41 -2.31 -13.17
C TRP B 68 0.11 -2.86 -13.74
N VAL B 69 -0.25 -2.41 -14.94
CA VAL B 69 -1.48 -2.87 -15.56
C VAL B 69 -1.51 -4.39 -15.66
N PHE B 70 -0.34 -5.00 -15.84
CA PHE B 70 -0.25 -6.45 -15.92
C PHE B 70 -0.47 -7.11 -14.57
N THR B 71 0.00 -6.48 -13.50
CA THR B 71 -0.19 -7.04 -12.18
C THR B 71 -1.68 -7.01 -11.88
N ALA B 72 -2.32 -5.90 -12.23
CA ALA B 72 -3.76 -5.75 -12.02
C ALA B 72 -4.48 -6.83 -12.82
N GLU B 73 -4.04 -7.02 -14.06
CA GLU B 73 -4.63 -8.01 -14.94
C GLU B 73 -4.55 -9.39 -14.30
N ILE B 74 -3.33 -9.76 -13.89
CA ILE B 74 -3.08 -11.05 -13.25
C ILE B 74 -3.97 -11.25 -12.04
N ILE B 75 -4.07 -10.23 -11.20
CA ILE B 75 -4.91 -10.30 -10.00
C ILE B 75 -6.36 -10.57 -10.37
N LEU B 76 -6.88 -9.79 -11.32
CA LEU B 76 -8.25 -9.93 -11.77
C LEU B 76 -8.49 -11.37 -12.20
N LYS B 77 -7.63 -11.86 -13.09
CA LYS B 77 -7.71 -13.22 -13.59
C LYS B 77 -7.78 -14.24 -12.47
N LEU B 78 -6.96 -14.02 -11.44
CA LEU B 78 -6.90 -14.92 -10.30
C LEU B 78 -8.26 -15.15 -9.67
N VAL B 79 -8.99 -14.05 -9.44
CA VAL B 79 -10.32 -14.15 -8.83
C VAL B 79 -11.32 -14.76 -9.81
N ALA B 80 -11.24 -14.35 -11.07
CA ALA B 80 -12.15 -14.82 -12.11
C ALA B 80 -11.98 -16.28 -12.52
N THR B 81 -10.74 -16.76 -12.53
CA THR B 81 -10.43 -18.13 -12.93
C THR B 81 -11.40 -19.18 -12.38
N ARG B 82 -11.95 -18.88 -11.20
CA ARG B 82 -12.86 -19.74 -10.43
C ARG B 82 -12.20 -19.55 -9.08
N PRO B 83 -12.21 -20.56 -8.20
CA PRO B 83 -11.49 -20.17 -6.98
C PRO B 83 -10.05 -19.89 -7.41
N ARG B 84 -9.38 -18.98 -6.73
CA ARG B 84 -8.00 -18.63 -7.06
C ARG B 84 -7.17 -19.82 -7.54
N TYR B 85 -7.40 -20.96 -6.91
CA TYR B 85 -6.68 -22.19 -7.22
C TYR B 85 -6.60 -22.56 -8.69
N HIS B 86 -7.73 -22.52 -9.40
CA HIS B 86 -7.73 -22.89 -10.81
C HIS B 86 -6.68 -22.14 -11.62
N PHE B 87 -6.46 -20.88 -11.28
CA PHE B 87 -5.46 -20.08 -11.99
C PHE B 87 -4.10 -20.77 -11.88
N PHE B 88 -3.76 -21.21 -10.68
CA PHE B 88 -2.49 -21.88 -10.44
C PHE B 88 -2.46 -23.25 -11.11
N LYS B 89 -3.61 -23.69 -11.61
CA LYS B 89 -3.71 -24.96 -12.29
C LYS B 89 -3.27 -24.82 -13.73
N ASP B 90 -3.63 -23.70 -14.35
CA ASP B 90 -3.29 -23.45 -15.74
C ASP B 90 -1.82 -23.09 -15.94
N SER B 91 -1.18 -23.77 -16.88
CA SER B 91 0.22 -23.55 -17.18
C SER B 91 0.44 -22.17 -17.81
N TRP B 92 -0.45 -21.80 -18.73
CA TRP B 92 -0.33 -20.51 -19.39
C TRP B 92 -0.42 -19.38 -18.38
N ASN B 93 -1.34 -19.52 -17.44
CA ASN B 93 -1.54 -18.52 -16.40
C ASN B 93 -0.34 -18.43 -15.47
N VAL B 94 0.16 -19.58 -15.03
CA VAL B 94 1.31 -19.60 -14.14
C VAL B 94 2.51 -18.96 -14.82
N PHE B 95 2.66 -19.22 -16.12
CA PHE B 95 3.74 -18.64 -16.88
C PHE B 95 3.64 -17.13 -16.78
N ASP B 96 2.47 -16.61 -17.16
CA ASP B 96 2.22 -15.18 -17.10
C ASP B 96 2.49 -14.66 -15.70
N PHE B 97 2.18 -15.47 -14.70
CA PHE B 97 2.40 -15.08 -13.32
C PHE B 97 3.89 -14.94 -13.04
N LEU B 98 4.64 -16.01 -13.29
CA LEU B 98 6.08 -16.01 -13.06
C LEU B 98 6.77 -14.92 -13.84
N ILE B 99 6.37 -14.74 -15.10
CA ILE B 99 6.95 -13.71 -15.95
C ILE B 99 6.84 -12.34 -15.30
N VAL B 100 5.61 -11.98 -14.95
CA VAL B 100 5.33 -10.71 -14.32
C VAL B 100 6.05 -10.57 -12.99
N ALA B 101 6.13 -11.67 -12.24
CA ALA B 101 6.79 -11.66 -10.94
C ALA B 101 8.24 -11.20 -11.09
N SER B 102 8.97 -11.80 -12.03
CA SER B 102 10.35 -11.43 -12.25
C SER B 102 10.45 -9.95 -12.60
N GLY B 103 9.54 -9.50 -13.44
CA GLY B 103 9.53 -8.10 -13.83
C GLY B 103 9.23 -7.21 -12.64
N HIS B 104 8.58 -7.79 -11.64
CA HIS B 104 8.22 -7.05 -10.43
C HIS B 104 9.43 -6.79 -9.56
N LEU B 105 10.32 -7.77 -9.49
CA LEU B 105 11.53 -7.63 -8.66
C LEU B 105 12.21 -6.30 -8.97
N PHE B 106 12.49 -5.54 -7.92
CA PHE B 106 13.13 -4.25 -8.07
C PHE B 106 14.32 -4.30 -9.01
N VAL B 107 14.55 -3.20 -9.73
CA VAL B 107 15.66 -3.13 -10.66
C VAL B 107 16.90 -3.61 -9.93
N GLY B 108 17.19 -2.97 -8.79
CA GLY B 108 18.34 -3.37 -8.00
C GLY B 108 18.05 -4.70 -7.33
N ALA B 109 19.11 -5.46 -7.06
CA ALA B 109 19.00 -6.76 -6.42
C ALA B 109 20.37 -7.42 -6.50
N GLN B 110 20.49 -8.62 -5.94
CA GLN B 110 21.77 -9.32 -5.98
C GLN B 110 22.23 -9.38 -7.43
N PHE B 111 21.32 -9.82 -8.30
CA PHE B 111 21.63 -9.90 -9.72
C PHE B 111 20.71 -8.94 -10.44
N VAL B 112 20.99 -7.66 -10.29
CA VAL B 112 20.20 -6.60 -10.92
C VAL B 112 20.04 -6.87 -12.41
N THR B 113 21.16 -7.15 -13.07
CA THR B 113 21.18 -7.40 -14.50
C THR B 113 20.35 -8.60 -14.98
N VAL B 114 20.63 -9.79 -14.45
CA VAL B 114 19.90 -10.97 -14.90
C VAL B 114 18.39 -10.79 -14.80
N LEU B 115 17.89 -10.41 -13.63
CA LEU B 115 16.45 -10.22 -13.47
C LEU B 115 16.00 -9.12 -14.42
N ARG B 116 16.88 -8.13 -14.61
CA ARG B 116 16.56 -7.02 -15.50
C ARG B 116 16.41 -7.52 -16.93
N VAL B 117 17.29 -8.41 -17.35
CA VAL B 117 17.22 -8.95 -18.71
C VAL B 117 16.10 -9.96 -18.86
N LEU B 118 15.87 -10.77 -17.84
CA LEU B 118 14.80 -11.76 -17.91
C LEU B 118 13.43 -11.12 -18.09
N ARG B 119 13.34 -9.82 -17.80
CA ARG B 119 12.08 -9.11 -17.95
C ARG B 119 11.57 -9.23 -19.38
N VAL B 120 12.50 -9.34 -20.33
CA VAL B 120 12.15 -9.45 -21.74
C VAL B 120 11.28 -10.67 -21.98
N LEU B 121 11.35 -11.63 -21.06
CA LEU B 121 10.58 -12.86 -21.18
C LEU B 121 9.08 -12.59 -21.24
N ARG B 122 8.68 -11.38 -20.83
CA ARG B 122 7.27 -11.01 -20.85
C ARG B 122 6.74 -10.96 -22.28
N LEU B 123 7.65 -10.80 -23.24
CA LEU B 123 7.26 -10.76 -24.63
C LEU B 123 6.68 -12.11 -25.01
N LEU B 124 6.97 -13.12 -24.19
CA LEU B 124 6.48 -14.46 -24.41
C LEU B 124 4.99 -14.49 -24.10
N ARG B 125 4.53 -13.44 -23.41
CA ARG B 125 3.13 -13.32 -23.05
C ARG B 125 2.29 -13.37 -24.32
N ALA B 126 2.90 -12.92 -25.42
CA ALA B 126 2.23 -12.90 -26.71
C ALA B 126 1.75 -14.30 -27.07
N VAL B 127 2.54 -15.31 -26.73
CA VAL B 127 2.19 -16.69 -27.01
C VAL B 127 0.95 -17.09 -26.23
N THR B 128 0.95 -16.80 -24.93
CA THR B 128 -0.16 -17.14 -24.06
C THR B 128 -1.44 -16.40 -24.43
N VAL B 129 -1.37 -15.08 -24.48
CA VAL B 129 -2.54 -14.27 -24.78
C VAL B 129 -3.23 -14.60 -26.10
N ILE B 130 -2.46 -14.79 -27.16
CA ILE B 130 -3.08 -15.09 -28.45
C ILE B 130 -3.09 -16.58 -28.79
N PRO B 131 -4.25 -17.07 -29.26
CA PRO B 131 -4.45 -18.47 -29.63
C PRO B 131 -3.48 -18.90 -30.75
N SER B 132 -3.76 -20.04 -31.36
CA SER B 132 -2.92 -20.56 -32.43
C SER B 132 -1.48 -20.78 -31.99
N LEU B 133 -0.76 -19.69 -31.71
CA LEU B 133 0.63 -19.80 -31.28
C LEU B 133 0.76 -20.84 -30.17
N GLY B 148 13.51 -38.79 -23.68
CA GLY B 148 14.39 -38.80 -22.52
C GLY B 148 15.31 -40.00 -22.47
N ASN B 149 14.87 -41.10 -23.07
CA ASN B 149 15.66 -42.32 -23.10
C ASN B 149 16.80 -42.21 -24.10
N ILE B 150 16.52 -41.71 -25.29
CA ILE B 150 17.54 -41.57 -26.32
C ILE B 150 18.54 -40.48 -25.95
N MET B 151 18.03 -39.39 -25.36
CA MET B 151 18.88 -38.27 -24.97
C MET B 151 19.94 -38.76 -23.98
N LEU B 152 19.52 -39.59 -23.03
CA LEU B 152 20.45 -40.12 -22.05
C LEU B 152 21.49 -41.01 -22.72
N LEU B 153 21.04 -41.87 -23.61
CA LEU B 153 21.94 -42.77 -24.33
C LEU B 153 22.99 -41.96 -25.07
N MET B 154 22.53 -40.94 -25.79
CA MET B 154 23.43 -40.09 -26.56
C MET B 154 24.42 -39.40 -25.63
N GLY B 155 23.92 -38.88 -24.52
CA GLY B 155 24.79 -38.22 -23.55
C GLY B 155 25.88 -39.14 -23.10
N LEU B 156 25.53 -40.39 -22.84
CA LEU B 156 26.48 -41.40 -22.41
C LEU B 156 27.51 -41.57 -23.52
N ILE B 157 27.02 -41.67 -24.76
CA ILE B 157 27.89 -41.83 -25.91
C ILE B 157 28.91 -40.71 -26.00
N PHE B 158 28.45 -39.47 -25.95
CA PHE B 158 29.35 -38.32 -26.03
C PHE B 158 30.39 -38.38 -24.94
N TYR B 159 29.98 -38.75 -23.73
CA TYR B 159 30.90 -38.83 -22.62
C TYR B 159 32.00 -39.84 -22.92
N ILE B 160 31.60 -41.01 -23.41
CA ILE B 160 32.55 -42.08 -23.74
C ILE B 160 33.57 -41.60 -24.76
N PHE B 161 33.08 -41.13 -25.90
CA PHE B 161 33.96 -40.65 -26.95
C PHE B 161 34.70 -39.40 -26.53
N GLY B 162 34.08 -38.60 -25.68
CA GLY B 162 34.71 -37.38 -25.21
C GLY B 162 36.00 -37.70 -24.48
N VAL B 163 35.93 -38.66 -23.56
CA VAL B 163 37.11 -39.06 -22.80
C VAL B 163 38.13 -39.75 -23.69
N MET B 164 37.65 -40.59 -24.59
CA MET B 164 38.54 -41.32 -25.50
C MET B 164 39.28 -40.32 -26.39
N GLY B 165 38.54 -39.38 -26.95
CA GLY B 165 39.12 -38.38 -27.82
C GLY B 165 40.18 -37.57 -27.10
N THR B 166 39.89 -37.21 -25.85
CA THR B 166 40.82 -36.43 -25.05
C THR B 166 42.17 -37.16 -24.96
N PHE B 167 42.12 -38.44 -24.59
CA PHE B 167 43.35 -39.21 -24.48
C PHE B 167 44.02 -39.46 -25.82
N LEU B 168 43.21 -39.44 -26.89
CA LEU B 168 43.74 -39.70 -28.23
C LEU B 168 44.37 -38.50 -28.95
N PHE B 169 43.78 -37.33 -28.83
CA PHE B 169 44.32 -36.16 -29.53
C PHE B 169 44.55 -34.90 -28.70
N ARG B 170 44.32 -34.95 -27.40
CA ARG B 170 44.50 -33.77 -26.56
C ARG B 170 45.90 -33.17 -26.65
N ASP B 171 46.93 -34.01 -26.52
CA ASP B 171 48.30 -33.51 -26.57
C ASP B 171 48.61 -32.76 -27.87
N VAL B 172 48.38 -33.41 -29.00
CA VAL B 172 48.65 -32.79 -30.29
C VAL B 172 47.64 -31.70 -30.63
N ALA B 173 46.37 -31.95 -30.34
CA ALA B 173 45.32 -30.99 -30.62
C ALA B 173 44.69 -30.48 -29.32
N PRO B 174 45.41 -29.61 -28.59
CA PRO B 174 44.89 -29.07 -27.34
C PRO B 174 43.67 -28.17 -27.47
N GLU B 175 43.55 -27.47 -28.60
CA GLU B 175 42.41 -26.58 -28.80
C GLU B 175 41.10 -27.35 -28.88
N TYR B 176 41.10 -28.44 -29.64
CA TYR B 176 39.91 -29.26 -29.82
C TYR B 176 39.75 -30.35 -28.77
N PHE B 177 40.80 -31.15 -28.58
CA PHE B 177 40.77 -32.28 -27.66
C PHE B 177 41.46 -32.05 -26.31
N GLY B 178 42.14 -30.92 -26.18
CA GLY B 178 42.85 -30.60 -24.95
C GLY B 178 42.19 -31.03 -23.65
N SER B 179 40.91 -30.75 -23.50
CA SER B 179 40.21 -31.11 -22.28
C SER B 179 38.94 -31.90 -22.56
N LEU B 180 38.33 -32.43 -21.51
CA LEU B 180 37.10 -33.20 -21.64
C LEU B 180 36.01 -32.29 -22.19
N HIS B 181 35.95 -31.06 -21.68
CA HIS B 181 34.95 -30.11 -22.13
C HIS B 181 35.24 -29.67 -23.57
N LEU B 182 36.52 -29.53 -23.90
CA LEU B 182 36.89 -29.14 -25.25
C LEU B 182 36.49 -30.24 -26.20
N SER B 183 36.64 -31.48 -25.76
CA SER B 183 36.29 -32.63 -26.58
C SER B 183 34.77 -32.66 -26.77
N LEU B 184 34.03 -32.34 -25.72
CA LEU B 184 32.58 -32.32 -25.80
C LEU B 184 32.11 -31.36 -26.89
N ILE B 185 32.66 -30.16 -26.88
CA ILE B 185 32.28 -29.15 -27.85
C ILE B 185 32.68 -29.54 -29.27
N THR B 186 33.86 -30.13 -29.43
CA THR B 186 34.31 -30.52 -30.76
C THR B 186 33.48 -31.66 -31.30
N LEU B 187 33.14 -32.63 -30.45
CA LEU B 187 32.33 -33.75 -30.90
C LEU B 187 30.92 -33.30 -31.21
N PHE B 188 30.49 -32.19 -30.61
CA PHE B 188 29.15 -31.69 -30.90
C PHE B 188 29.20 -31.02 -32.26
N GLN B 189 30.35 -30.41 -32.57
CA GLN B 189 30.52 -29.75 -33.85
C GLN B 189 30.46 -30.79 -34.97
N VAL B 190 31.10 -31.92 -34.75
CA VAL B 190 31.11 -32.97 -35.76
C VAL B 190 29.73 -33.57 -35.97
N VAL B 191 28.90 -33.60 -34.93
CA VAL B 191 27.56 -34.15 -35.09
C VAL B 191 26.76 -33.22 -35.97
N THR B 192 26.98 -31.91 -35.82
CA THR B 192 26.29 -30.93 -36.64
C THR B 192 26.88 -31.05 -38.04
N LEU B 193 27.99 -31.77 -38.13
CA LEU B 193 28.67 -32.01 -39.40
C LEU B 193 29.28 -30.74 -39.97
N GLU B 194 29.53 -29.76 -39.11
CA GLU B 194 30.10 -28.49 -39.56
C GLU B 194 31.62 -28.50 -39.55
N SER B 195 32.22 -28.46 -40.74
CA SER B 195 33.67 -28.44 -40.90
C SER B 195 34.36 -29.62 -40.21
N TRP B 196 33.67 -30.75 -40.12
CA TRP B 196 34.26 -31.91 -39.45
C TRP B 196 35.45 -32.46 -40.22
N ALA B 197 35.32 -32.56 -41.55
CA ALA B 197 36.40 -33.09 -42.38
C ALA B 197 37.52 -32.08 -42.60
N SER B 198 37.23 -31.04 -43.37
CA SER B 198 38.22 -30.02 -43.68
C SER B 198 38.82 -29.37 -42.43
N GLY B 199 37.96 -28.97 -41.51
CA GLY B 199 38.42 -28.32 -40.30
C GLY B 199 39.02 -29.19 -39.21
N ILE B 200 38.41 -30.34 -38.93
CA ILE B 200 38.89 -31.21 -37.87
C ILE B 200 39.67 -32.46 -38.30
N MET B 201 38.95 -33.41 -38.89
CA MET B 201 39.51 -34.68 -39.31
C MET B 201 40.70 -34.67 -40.26
N ARG B 202 40.63 -33.91 -41.35
CA ARG B 202 41.75 -33.86 -42.29
C ARG B 202 43.03 -33.47 -41.56
N PRO B 203 43.02 -32.33 -40.85
CA PRO B 203 44.22 -31.89 -40.12
C PRO B 203 44.70 -32.90 -39.08
N ILE B 204 43.77 -33.55 -38.40
CA ILE B 204 44.13 -34.53 -37.38
C ILE B 204 44.77 -35.76 -38.02
N MET B 205 44.36 -36.08 -39.23
CA MET B 205 44.90 -37.23 -39.93
C MET B 205 46.39 -37.06 -40.22
N ALA B 206 46.81 -35.81 -40.37
CA ALA B 206 48.21 -35.53 -40.65
C ALA B 206 49.06 -36.21 -39.57
N GLU B 207 48.63 -36.07 -38.32
CA GLU B 207 49.32 -36.67 -37.20
C GLU B 207 48.92 -38.13 -37.06
N VAL B 208 47.61 -38.36 -37.05
CA VAL B 208 47.06 -39.71 -36.92
C VAL B 208 46.25 -40.09 -38.14
N PHE B 209 46.81 -40.99 -38.97
CA PHE B 209 46.13 -41.43 -40.17
C PHE B 209 44.86 -42.23 -39.88
N TRP B 210 44.84 -42.91 -38.74
CA TRP B 210 43.70 -43.74 -38.36
C TRP B 210 42.54 -42.97 -37.71
N SER B 211 42.73 -41.68 -37.51
CA SER B 211 41.70 -40.86 -36.88
C SER B 211 40.34 -41.04 -37.54
N TRP B 212 40.33 -41.33 -38.84
CA TRP B 212 39.08 -41.51 -39.55
C TRP B 212 38.26 -42.65 -38.95
N ILE B 213 38.96 -43.66 -38.43
CA ILE B 213 38.30 -44.82 -37.82
C ILE B 213 37.45 -44.35 -36.64
N TYR B 214 37.97 -43.38 -35.90
CA TYR B 214 37.29 -42.85 -34.74
C TYR B 214 36.06 -42.00 -35.06
N PHE B 215 36.21 -41.09 -36.00
CA PHE B 215 35.11 -40.19 -36.37
C PHE B 215 34.01 -40.74 -37.26
N VAL B 216 34.37 -41.48 -38.31
CA VAL B 216 33.35 -42.02 -39.21
C VAL B 216 32.31 -42.81 -38.45
N ALA B 217 32.76 -43.71 -37.57
CA ALA B 217 31.84 -44.53 -36.79
C ALA B 217 31.01 -43.61 -35.89
N PHE B 218 31.66 -42.63 -35.29
CA PHE B 218 30.99 -41.69 -34.42
C PHE B 218 29.87 -40.99 -35.17
N ILE B 219 30.19 -40.51 -36.37
CA ILE B 219 29.22 -39.82 -37.21
C ILE B 219 28.04 -40.73 -37.53
N LEU B 220 28.32 -41.97 -37.90
CA LEU B 220 27.27 -42.93 -38.23
C LEU B 220 26.32 -43.13 -37.06
N VAL B 221 26.88 -43.47 -35.90
CA VAL B 221 26.07 -43.71 -34.72
C VAL B 221 25.24 -42.47 -34.36
N GLY B 222 25.92 -41.34 -34.22
CA GLY B 222 25.24 -40.10 -33.89
C GLY B 222 24.17 -39.75 -34.91
N THR B 223 24.51 -39.86 -36.18
CA THR B 223 23.58 -39.55 -37.25
C THR B 223 22.38 -40.48 -37.19
N PHE B 224 22.65 -41.78 -37.11
CA PHE B 224 21.60 -42.78 -37.06
C PHE B 224 20.58 -42.49 -35.97
N VAL B 225 21.06 -42.24 -34.75
CA VAL B 225 20.17 -41.95 -33.63
C VAL B 225 19.28 -40.75 -33.94
N ILE B 226 19.90 -39.66 -34.37
CA ILE B 226 19.16 -38.45 -34.70
C ILE B 226 18.02 -38.74 -35.65
N PHE B 227 18.29 -39.53 -36.68
CA PHE B 227 17.26 -39.88 -37.65
C PHE B 227 16.14 -40.68 -37.00
N ASN B 228 16.49 -41.62 -36.14
CA ASN B 228 15.47 -42.40 -35.45
C ASN B 228 14.68 -41.49 -34.52
N LEU B 229 15.39 -40.61 -33.83
CA LEU B 229 14.75 -39.67 -32.92
C LEU B 229 13.63 -38.94 -33.64
N PHE B 230 13.94 -38.41 -34.83
CA PHE B 230 12.94 -37.70 -35.59
C PHE B 230 11.78 -38.65 -35.88
N VAL B 231 12.12 -39.84 -36.35
CA VAL B 231 11.12 -40.84 -36.67
C VAL B 231 10.21 -41.07 -35.46
N GLY B 232 10.71 -40.73 -34.28
CA GLY B 232 9.92 -40.92 -33.07
C GLY B 232 8.93 -39.80 -32.84
N VAL B 233 9.24 -38.61 -33.34
CA VAL B 233 8.37 -37.45 -33.17
C VAL B 233 7.21 -37.53 -34.18
N ILE B 234 7.24 -38.55 -35.02
CA ILE B 234 6.20 -38.77 -36.01
C ILE B 234 5.50 -40.06 -35.64
N VAL B 235 6.00 -40.70 -34.59
CA VAL B 235 5.43 -41.94 -34.10
C VAL B 235 4.46 -41.62 -32.97
N SER B 236 4.78 -40.57 -32.20
CA SER B 236 3.93 -40.17 -31.09
C SER B 236 3.03 -38.98 -31.42
N ASN B 237 3.38 -38.21 -32.45
CA ASN B 237 2.57 -37.08 -32.85
C ASN B 237 1.49 -37.55 -33.82
N VAL B 238 1.77 -38.66 -34.48
CA VAL B 238 0.82 -39.24 -35.43
C VAL B 238 0.00 -40.27 -34.67
N GLU B 239 0.52 -40.72 -33.53
CA GLU B 239 -0.17 -41.68 -32.69
C GLU B 239 -1.34 -40.94 -32.06
N ARG B 240 -1.23 -39.62 -32.05
CA ARG B 240 -2.27 -38.76 -31.52
C ARG B 240 -3.19 -38.50 -32.70
N ALA B 241 -2.60 -38.53 -33.89
CA ALA B 241 -3.34 -38.33 -35.12
C ALA B 241 -4.02 -39.65 -35.45
N GLU B 242 -3.55 -40.71 -34.79
CA GLU B 242 -4.10 -42.05 -34.97
C GLU B 242 -5.30 -42.18 -34.04
N THR B 243 -5.27 -41.43 -32.95
CA THR B 243 -6.37 -41.44 -32.01
C THR B 243 -7.50 -40.67 -32.69
N GLU B 244 -7.11 -39.75 -33.57
CA GLU B 244 -8.06 -38.94 -34.31
C GLU B 244 -8.76 -39.81 -35.35
N ASP B 245 -7.97 -40.47 -36.20
CA ASP B 245 -8.51 -41.32 -37.25
C ASP B 245 -9.44 -42.39 -36.70
N ALA B 246 -9.06 -43.00 -35.60
CA ALA B 246 -9.85 -44.05 -34.98
C ALA B 246 -11.17 -43.52 -34.42
N GLU B 247 -11.11 -42.40 -33.72
CA GLU B 247 -12.32 -41.81 -33.14
C GLU B 247 -13.26 -41.23 -34.20
N GLN B 248 -12.70 -40.76 -35.30
CA GLN B 248 -13.49 -40.18 -36.38
C GLN B 248 -14.20 -41.21 -37.25
N GLU B 249 -13.42 -42.12 -37.85
CA GLU B 249 -13.99 -43.14 -38.72
C GLU B 249 -14.88 -44.15 -37.99
N GLU B 250 -14.53 -44.48 -36.75
CA GLU B 250 -15.33 -45.42 -35.97
C GLU B 250 -16.64 -44.77 -35.56
N GLY B 251 -16.64 -43.43 -35.53
CA GLY B 251 -17.83 -42.70 -35.15
C GLY B 251 -18.75 -42.50 -36.32
N GLN B 252 -18.32 -41.94 -37.34
#